data_4R4C
#
_entry.id   4R4C
#
_cell.length_a   38.070
_cell.length_b   53.864
_cell.length_c   53.977
_cell.angle_alpha   90.00
_cell.angle_beta   90.00
_cell.angle_gamma   90.00
#
_symmetry.space_group_name_H-M   'P 21 21 21'
#
loop_
_entity.id
_entity.type
_entity.pdbx_description
1 polymer 'Replication protein A 70 kDa DNA-binding subunit'
2 non-polymer '5-[4-({[4-(5-carboxyfuran-2-yl)-2-chlorobenzoyl]amino}methyl)phenyl]-1-(3,4-dichlorophenyl)-1H-pyrazole-3-carboxylic acid'
3 water water
#
_entity_poly.entity_id   1
_entity_poly.type   'polypeptide(L)'
_entity_poly.pdbx_seq_one_letter_code
;GSHMVGQLSRGAIAAIMQKGDTNIKPILQVINIRPITTGNSPPRYRLLMSDGLNTLSSFMLATQLNPLVEEEQLSSNCVC
QIHRFIVNTLKDGRRVVILMELEVLKSAEAVGVKIGNPVPYNE
;
_entity_poly.pdbx_strand_id   A
#
# COMPACT_ATOMS: atom_id res chain seq x y z
N GLY A 1 -2.15 16.98 10.14
CA GLY A 1 -1.94 17.78 11.39
C GLY A 1 -1.56 16.90 12.57
N SER A 2 -1.60 17.48 13.77
CA SER A 2 -1.33 16.77 15.02
C SER A 2 -1.98 15.40 15.08
N HIS A 3 -1.37 14.49 15.84
CA HIS A 3 -1.87 13.12 15.98
C HIS A 3 -1.88 12.45 14.60
N MET A 4 -0.70 12.33 14.00
CA MET A 4 -0.60 11.95 12.59
C MET A 4 -1.16 10.56 12.30
N VAL A 5 -1.04 9.63 13.25
CA VAL A 5 -1.51 8.28 13.02
C VAL A 5 -3.04 8.25 12.88
N GLY A 6 -3.70 9.28 13.39
CA GLY A 6 -5.14 9.43 13.22
C GLY A 6 -5.56 9.68 11.78
N GLN A 7 -4.59 9.94 10.91
CA GLN A 7 -4.88 10.15 9.49
C GLN A 7 -4.92 8.81 8.72
N LEU A 8 -4.52 7.73 9.36
CA LEU A 8 -4.45 6.42 8.72
C LEU A 8 -5.50 5.46 9.27
N SER A 9 -5.94 4.53 8.43
CA SER A 9 -6.98 3.57 8.81
C SER A 9 -6.44 2.44 9.69
N ARG A 10 -6.14 2.77 10.94
CA ARG A 10 -5.59 1.81 11.89
C ARG A 10 -6.49 0.59 11.98
N GLY A 11 -5.91 -0.58 11.73
CA GLY A 11 -6.64 -1.84 11.79
C GLY A 11 -7.06 -2.38 10.43
N ALA A 12 -6.87 -1.60 9.38
CA ALA A 12 -7.28 -2.01 8.05
C ALA A 12 -6.47 -3.19 7.53
N ILE A 13 -5.19 -3.23 7.85
CA ILE A 13 -4.35 -4.34 7.38
C ILE A 13 -4.85 -5.66 7.95
N ALA A 14 -5.10 -5.71 9.25
CA ALA A 14 -5.66 -6.91 9.86
C ALA A 14 -7.01 -7.27 9.25
N ALA A 15 -7.83 -6.24 8.98
CA ALA A 15 -9.16 -6.46 8.41
C ALA A 15 -9.05 -7.10 7.03
N ILE A 16 -8.09 -6.65 6.24
CA ILE A 16 -7.89 -7.19 4.90
C ILE A 16 -7.40 -8.64 4.98
N MET A 17 -6.41 -8.88 5.82
CA MET A 17 -5.76 -10.19 5.87
C MET A 17 -6.49 -11.21 6.74
N GLN A 18 -7.22 -10.77 7.77
CA GLN A 18 -7.96 -11.68 8.64
C GLN A 18 -9.40 -11.88 8.19
N LYS A 19 -10.15 -10.80 8.11
CA LYS A 19 -11.59 -10.87 7.82
C LYS A 19 -11.88 -11.11 6.35
N GLY A 20 -10.96 -10.69 5.48
CA GLY A 20 -11.20 -10.76 4.06
C GLY A 20 -12.17 -9.66 3.64
N ASP A 21 -12.04 -8.52 4.30
CA ASP A 21 -12.87 -7.36 4.01
C ASP A 21 -12.32 -6.66 2.76
N THR A 22 -13.17 -6.52 1.73
CA THR A 22 -12.78 -5.85 0.50
C THR A 22 -13.67 -4.65 0.16
N ASN A 23 -14.61 -4.34 1.05
CA ASN A 23 -15.50 -3.22 0.85
C ASN A 23 -14.91 -1.92 1.41
N ILE A 24 -14.03 -2.04 2.39
CA ILE A 24 -13.39 -0.88 2.99
C ILE A 24 -12.56 -0.12 1.95
N LYS A 25 -12.41 1.18 2.17
CA LYS A 25 -11.56 2.02 1.33
C LYS A 25 -10.50 2.68 2.21
N PRO A 26 -9.57 1.87 2.72
CA PRO A 26 -8.67 2.33 3.77
C PRO A 26 -7.64 3.35 3.31
N ILE A 27 -7.25 4.20 4.25
CA ILE A 27 -6.20 5.17 4.02
C ILE A 27 -4.90 4.61 4.63
N LEU A 28 -3.90 4.44 3.77
CA LEU A 28 -2.64 3.81 4.14
C LEU A 28 -1.48 4.71 3.74
N GLN A 29 -0.34 4.51 4.38
CA GLN A 29 0.88 5.21 3.99
C GLN A 29 1.81 4.27 3.25
N VAL A 30 2.39 4.74 2.16
CA VAL A 30 3.44 4.01 1.46
C VAL A 30 4.73 4.18 2.24
N ILE A 31 5.34 3.06 2.60
CA ILE A 31 6.65 3.10 3.26
C ILE A 31 7.77 2.90 2.25
N ASN A 32 7.58 1.96 1.34
CA ASN A 32 8.58 1.69 0.31
C ASN A 32 7.92 1.12 -0.93
N ILE A 33 8.54 1.36 -2.08
CA ILE A 33 8.13 0.76 -3.35
C ILE A 33 9.36 0.24 -4.03
N ARG A 34 9.28 -0.97 -4.57
CA ARG A 34 10.36 -1.49 -5.40
C ARG A 34 9.81 -2.32 -6.55
N PRO A 35 10.54 -2.35 -7.67
CA PRO A 35 10.10 -3.23 -8.75
C PRO A 35 10.40 -4.67 -8.39
N ILE A 36 9.58 -5.59 -8.89
CA ILE A 36 9.90 -7.01 -8.79
C ILE A 36 10.58 -7.43 -10.08
N THR A 37 11.22 -8.58 -10.06
CA THR A 37 11.82 -9.14 -11.27
C THR A 37 10.69 -9.65 -12.18
N THR A 38 10.61 -9.11 -13.39
CA THR A 38 9.48 -9.40 -14.28
C THR A 38 9.89 -10.15 -15.55
N GLY A 39 10.73 -9.54 -16.36
CA GLY A 39 11.12 -10.10 -17.64
C GLY A 39 10.41 -9.42 -18.80
N ASN A 40 9.91 -10.21 -19.73
CA ASN A 40 9.34 -9.68 -20.96
C ASN A 40 7.87 -9.26 -20.82
N SER A 41 7.62 -8.41 -19.83
CA SER A 41 6.29 -7.88 -19.58
C SER A 41 6.46 -6.53 -18.88
N PRO A 42 5.36 -5.77 -18.74
CA PRO A 42 5.47 -4.48 -18.06
C PRO A 42 6.05 -4.64 -16.65
N PRO A 43 6.76 -3.62 -16.15
CA PRO A 43 7.25 -3.72 -14.77
C PRO A 43 6.11 -3.89 -13.79
N ARG A 44 6.42 -4.49 -12.65
CA ARG A 44 5.45 -4.72 -11.58
C ARG A 44 6.05 -4.18 -10.29
N TYR A 45 5.28 -3.39 -9.55
CA TYR A 45 5.75 -2.76 -8.33
C TYR A 45 5.15 -3.39 -7.09
N ARG A 46 6.01 -3.65 -6.11
CA ARG A 46 5.61 -4.18 -4.81
C ARG A 46 5.73 -3.07 -3.78
N LEU A 47 4.78 -2.99 -2.87
CA LEU A 47 4.74 -1.92 -1.88
C LEU A 47 4.70 -2.44 -0.45
N LEU A 48 5.50 -1.80 0.40
CA LEU A 48 5.40 -1.93 1.84
C LEU A 48 4.49 -0.79 2.30
N MET A 49 3.32 -1.13 2.82
CA MET A 49 2.38 -0.10 3.25
CA MET A 49 2.30 -0.16 3.23
C MET A 49 2.09 -0.22 4.74
N SER A 50 1.60 0.87 5.30
CA SER A 50 1.33 0.98 6.72
C SER A 50 -0.08 1.51 6.98
N ASP A 51 -0.75 0.96 7.99
CA ASP A 51 -2.03 1.51 8.44
C ASP A 51 -1.88 2.24 9.78
N GLY A 52 -0.65 2.47 10.20
CA GLY A 52 -0.37 3.14 11.47
C GLY A 52 -0.06 2.17 12.60
N LEU A 53 -0.67 0.98 12.55
CA LEU A 53 -0.43 -0.06 13.55
C LEU A 53 0.50 -1.13 13.00
N ASN A 54 0.24 -1.52 11.75
CA ASN A 54 1.01 -2.57 11.09
C ASN A 54 1.61 -2.09 9.79
N THR A 55 2.72 -2.71 9.39
CA THR A 55 3.17 -2.66 8.01
C THR A 55 2.92 -4.02 7.37
N LEU A 56 2.80 -4.02 6.05
CA LEU A 56 2.60 -5.23 5.28
C LEU A 56 3.25 -5.05 3.91
N SER A 57 4.03 -6.02 3.47
CA SER A 57 4.76 -5.91 2.21
C SER A 57 4.15 -6.70 1.06
N SER A 58 2.96 -7.24 1.27
CA SER A 58 2.31 -8.13 0.32
CA SER A 58 2.36 -8.12 0.27
C SER A 58 1.40 -7.40 -0.66
N PHE A 59 1.70 -6.14 -0.93
CA PHE A 59 0.93 -5.35 -1.88
C PHE A 59 1.63 -5.27 -3.23
N MET A 60 0.85 -5.42 -4.30
CA MET A 60 1.37 -5.18 -5.64
CA MET A 60 1.32 -5.25 -5.67
C MET A 60 0.43 -4.25 -6.38
N LEU A 61 1.00 -3.41 -7.23
CA LEU A 61 0.24 -2.41 -7.95
C LEU A 61 -0.28 -2.98 -9.26
N ALA A 62 -1.55 -2.72 -9.57
CA ALA A 62 -2.06 -3.04 -10.91
C ALA A 62 -1.19 -2.29 -11.94
N THR A 63 -0.88 -2.94 -13.05
CA THR A 63 0.01 -2.35 -14.04
C THR A 63 -0.55 -1.04 -14.62
N GLN A 64 -1.88 -0.91 -14.65
CA GLN A 64 -2.50 0.31 -15.15
C GLN A 64 -2.08 1.54 -14.32
N LEU A 65 -1.67 1.32 -13.08
CA LEU A 65 -1.28 2.41 -12.19
C LEU A 65 0.23 2.68 -12.19
N ASN A 66 0.98 1.95 -12.99
CA ASN A 66 2.43 2.15 -13.06
C ASN A 66 2.84 3.62 -13.27
N PRO A 67 2.09 4.37 -14.08
CA PRO A 67 2.48 5.78 -14.26
C PRO A 67 2.54 6.59 -12.97
N LEU A 68 1.74 6.23 -11.97
N LEU A 68 1.74 6.22 -11.97
CA LEU A 68 1.77 6.93 -10.69
CA LEU A 68 1.77 6.90 -10.67
C LEU A 68 3.14 6.80 -10.01
C LEU A 68 3.17 6.81 -10.06
N VAL A 69 3.77 5.63 -10.16
CA VAL A 69 5.10 5.41 -9.62
C VAL A 69 6.16 6.07 -10.50
N GLU A 70 6.06 5.87 -11.80
CA GLU A 70 7.10 6.30 -12.73
CA GLU A 70 7.12 6.31 -12.71
C GLU A 70 7.13 7.82 -12.90
N GLU A 71 6.01 8.49 -12.60
CA GLU A 71 5.98 9.96 -12.61
C GLU A 71 6.03 10.54 -11.18
N GLU A 72 6.23 9.65 -10.21
CA GLU A 72 6.58 10.01 -8.83
C GLU A 72 5.48 10.65 -8.00
N GLN A 73 4.21 10.49 -8.40
CA GLN A 73 3.11 10.92 -7.54
C GLN A 73 2.90 9.92 -6.41
N LEU A 74 3.23 8.67 -6.69
CA LEU A 74 3.13 7.60 -5.71
C LEU A 74 4.55 7.19 -5.29
N SER A 75 4.93 7.55 -4.06
CA SER A 75 6.28 7.29 -3.58
C SER A 75 6.32 7.19 -2.06
N SER A 76 7.47 6.75 -1.54
CA SER A 76 7.64 6.57 -0.11
CA SER A 76 7.66 6.58 -0.10
C SER A 76 7.22 7.81 0.68
N ASN A 77 6.40 7.57 1.70
CA ASN A 77 5.84 8.55 2.65
C ASN A 77 4.48 9.10 2.24
N CYS A 78 4.07 8.94 0.99
CA CYS A 78 2.78 9.47 0.62
CA CYS A 78 2.76 9.35 0.50
C CYS A 78 1.65 8.71 1.32
N VAL A 79 0.53 9.41 1.47
CA VAL A 79 -0.66 8.86 2.10
C VAL A 79 -1.71 8.70 1.02
N CYS A 80 -2.28 7.50 0.92
CA CYS A 80 -3.23 7.21 -0.14
CA CYS A 80 -3.18 7.12 -0.17
C CYS A 80 -4.46 6.49 0.35
N GLN A 81 -5.54 6.66 -0.38
CA GLN A 81 -6.77 5.94 -0.13
C GLN A 81 -6.90 4.84 -1.18
N ILE A 82 -7.12 3.62 -0.72
CA ILE A 82 -7.33 2.50 -1.62
C ILE A 82 -8.81 2.38 -1.95
N HIS A 83 -9.18 2.68 -3.19
CA HIS A 83 -10.57 2.66 -3.61
C HIS A 83 -11.04 1.32 -4.12
N ARG A 84 -10.10 0.50 -4.61
CA ARG A 84 -10.44 -0.84 -5.06
C ARG A 84 -9.21 -1.72 -4.99
N PHE A 85 -9.38 -2.91 -4.42
CA PHE A 85 -8.31 -3.89 -4.38
C PHE A 85 -8.88 -5.30 -4.46
N ILE A 86 -8.03 -6.23 -4.82
CA ILE A 86 -8.40 -7.63 -4.84
C ILE A 86 -7.32 -8.43 -4.13
N VAL A 87 -7.73 -9.54 -3.52
CA VAL A 87 -6.81 -10.43 -2.83
C VAL A 87 -6.63 -11.70 -3.66
N ASN A 88 -5.37 -12.12 -3.77
CA ASN A 88 -5.02 -13.36 -4.45
C ASN A 88 -4.22 -14.21 -3.47
N THR A 89 -4.52 -15.51 -3.46
CA THR A 89 -3.81 -16.43 -2.57
C THR A 89 -2.96 -17.38 -3.40
N LEU A 90 -1.68 -17.43 -3.06
CA LEU A 90 -0.71 -18.27 -3.76
C LEU A 90 -0.84 -19.73 -3.33
N LYS A 91 -0.23 -20.62 -4.11
CA LYS A 91 -0.25 -22.05 -3.79
C LYS A 91 0.30 -22.35 -2.40
N ASP A 92 1.30 -21.57 -1.98
CA ASP A 92 1.96 -21.79 -0.70
C ASP A 92 1.18 -21.23 0.48
N GLY A 93 0.08 -20.53 0.20
CA GLY A 93 -0.81 -20.02 1.24
C GLY A 93 -0.70 -18.53 1.48
N ARG A 94 0.37 -17.92 0.99
CA ARG A 94 0.54 -16.48 1.15
C ARG A 94 -0.50 -15.71 0.37
N ARG A 95 -0.93 -14.60 0.95
CA ARG A 95 -1.87 -13.73 0.27
C ARG A 95 -1.19 -12.48 -0.26
N VAL A 96 -1.60 -12.07 -1.44
N VAL A 96 -1.65 -12.07 -1.43
CA VAL A 96 -1.12 -10.82 -2.01
CA VAL A 96 -1.17 -10.89 -2.13
C VAL A 96 -2.30 -9.93 -2.32
C VAL A 96 -2.35 -9.94 -2.29
N VAL A 97 -2.12 -8.65 -2.06
CA VAL A 97 -3.17 -7.65 -2.27
C VAL A 97 -2.82 -6.82 -3.48
N ILE A 98 -3.67 -6.88 -4.51
CA ILE A 98 -3.44 -6.11 -5.73
C ILE A 98 -4.23 -4.81 -5.66
N LEU A 99 -3.53 -3.70 -5.73
CA LEU A 99 -4.15 -2.37 -5.66
C LEU A 99 -4.60 -1.95 -7.06
N MET A 100 -5.92 -1.82 -7.23
CA MET A 100 -6.50 -1.57 -8.55
C MET A 100 -6.81 -0.09 -8.77
N GLU A 101 -7.29 0.57 -7.72
CA GLU A 101 -7.60 1.99 -7.77
CA GLU A 101 -7.58 1.99 -7.78
C GLU A 101 -7.09 2.64 -6.49
N LEU A 102 -6.34 3.72 -6.65
CA LEU A 102 -5.63 4.36 -5.55
C LEU A 102 -5.66 5.87 -5.76
N GLU A 103 -5.93 6.61 -4.69
CA GLU A 103 -5.86 8.06 -4.72
C GLU A 103 -4.78 8.53 -3.76
N VAL A 104 -3.88 9.39 -4.22
CA VAL A 104 -2.91 10.02 -3.34
C VAL A 104 -3.56 11.22 -2.66
N LEU A 105 -3.74 11.13 -1.34
CA LEU A 105 -4.35 12.21 -0.57
C LEU A 105 -3.33 13.27 -0.17
N LYS A 106 -2.13 12.82 0.17
CA LYS A 106 -1.04 13.71 0.53
C LYS A 106 0.25 13.20 -0.09
N SER A 107 0.96 14.09 -0.79
CA SER A 107 2.20 13.72 -1.44
C SER A 107 3.27 13.34 -0.44
N ALA A 108 4.29 12.63 -0.91
CA ALA A 108 5.41 12.24 -0.06
C ALA A 108 6.04 13.48 0.55
N GLU A 109 6.15 14.53 -0.26
CA GLU A 109 6.83 15.74 0.14
C GLU A 109 6.03 16.50 1.20
N ALA A 110 4.72 16.32 1.20
CA ALA A 110 3.84 17.00 2.17
C ALA A 110 3.74 16.27 3.50
N VAL A 111 4.16 15.01 3.53
CA VAL A 111 4.11 14.19 4.74
C VAL A 111 5.53 14.06 5.32
N GLY A 112 6.42 13.46 4.53
CA GLY A 112 7.85 13.58 4.78
C GLY A 112 8.46 12.60 5.76
N VAL A 113 7.63 11.84 6.46
CA VAL A 113 8.12 10.91 7.48
C VAL A 113 7.20 9.72 7.56
N LYS A 114 7.72 8.60 8.06
CA LYS A 114 6.86 7.46 8.41
C LYS A 114 6.02 7.86 9.62
N ILE A 115 4.71 7.69 9.48
CA ILE A 115 3.77 8.02 10.54
C ILE A 115 3.70 6.92 11.59
N GLY A 116 3.82 7.29 12.85
CA GLY A 116 3.68 6.35 13.93
C GLY A 116 4.82 5.36 14.02
N ASN A 117 4.56 4.24 14.68
CA ASN A 117 5.54 3.18 14.84
CA ASN A 117 5.55 3.18 14.83
C ASN A 117 4.93 1.82 14.53
N PRO A 118 4.49 1.64 13.28
CA PRO A 118 3.86 0.38 12.89
C PRO A 118 4.82 -0.80 12.93
N VAL A 119 4.31 -1.98 13.24
CA VAL A 119 5.14 -3.19 13.31
C VAL A 119 4.70 -4.16 12.23
N PRO A 120 5.62 -5.02 11.76
CA PRO A 120 5.26 -5.97 10.71
C PRO A 120 4.08 -6.87 11.06
N TYR A 121 3.13 -6.96 10.14
CA TYR A 121 1.99 -7.85 10.30
C TYR A 121 2.43 -9.29 10.09
N ASN A 122 1.98 -10.17 10.97
CA ASN A 122 2.34 -11.57 10.92
C ASN A 122 1.21 -12.41 10.34
N GLU A 123 1.37 -12.83 9.09
CA GLU A 123 0.45 -13.78 8.46
C GLU A 123 -1.02 -13.34 8.56
#